data_4AK2
#
_entry.id   4AK2
#
_cell.length_a   52.600
_cell.length_b   68.150
_cell.length_c   85.140
_cell.angle_alpha   90.00
_cell.angle_beta   90.00
_cell.angle_gamma   90.00
#
_symmetry.space_group_name_H-M   'P 21 21 21'
#
loop_
_entity.id
_entity.type
_entity.pdbx_description
1 polymer BT_4661
2 branched '2-O-sulfo-alpha-L-idopyranuronic acid-(1-4)-2-deoxy-6-O-sulfo-2-(sulfoamino)-alpha-D-glucopyranose-(1-4)-2-O-sulfo-alpha-L-idopyranuronic acid-(1-4)-2-deoxy-6-O-sulfo-2-(sulfoamino)-alpha-D-glucopyranose-(1-4)-2-O-sulfo-alpha-L-idopyranuronic acid-(1-4)-2-deoxy-6-O-sulfo-2-(sulfoamino)-alpha-D-glucopyranose'
3 non-polymer 'SODIUM ION'
4 water water
#
_entity_poly.entity_id   1
_entity_poly.type   'polypeptide(L)'
_entity_poly.pdbx_seq_one_letter_code
;MANPNYFTYFRYGNNLGLTPIENYADQFRIEAGGKLNSVKPVPTATDAKDGLSSLKWEVELKHNPNNTKATINESTGQIT
ITGLKQGQCGMVMVTATAGEGKTAVSVKQPVFFHFSMISDSNVQLEYTPFVFQVNPARGGESIAPSLGAGIDKSTFRLDY
RRDFFYYNIAGPDSHISGALAQKVDNFLSEMWNSYDATAGTSRKPMSYFENTTNLSKALGYIDQTDFKVHINPNLWRNKD
GYANGAMIGQITYDVTGKDPQAATSGARVSPIFIWFDTKFLEHHHHHH
;
_entity_poly.pdbx_strand_id   A
#
loop_
_chem_comp.id
_chem_comp.type
_chem_comp.name
_chem_comp.formula
IDS L-saccharide, alpha linking '2-O-sulfo-alpha-L-idopyranuronic acid' 'C6 H10 O10 S'
NA non-polymer 'SODIUM ION' 'Na 1'
SGN D-saccharide, alpha linking 2-deoxy-6-O-sulfo-2-(sulfoamino)-alpha-D-glucopyranose 'C6 H13 N O11 S2'
#
# COMPACT_ATOMS: atom_id res chain seq x y z
N ALA A 2 26.93 14.84 6.52
CA ALA A 2 27.22 14.73 7.99
C ALA A 2 28.41 13.82 8.39
N ASN A 3 28.28 13.16 9.56
CA ASN A 3 29.32 12.26 10.13
C ASN A 3 29.57 10.96 9.32
N PRO A 4 30.55 10.13 9.72
CA PRO A 4 30.87 8.90 8.95
C PRO A 4 29.73 7.88 8.81
N ASN A 5 28.79 7.87 9.75
CA ASN A 5 27.64 6.96 9.69
C ASN A 5 26.45 7.58 8.96
N TYR A 6 26.56 8.86 8.65
CA TYR A 6 25.44 9.53 8.04
C TYR A 6 25.04 8.93 6.68
N PHE A 7 23.76 8.62 6.53
CA PHE A 7 23.23 8.25 5.23
C PHE A 7 21.74 8.59 5.25
N THR A 8 21.09 8.47 4.10
CA THR A 8 19.68 8.87 4.02
C THR A 8 18.72 7.85 3.39
N TYR A 9 19.23 6.83 2.70
CA TYR A 9 18.31 5.89 2.03
C TYR A 9 18.97 4.54 1.77
N PHE A 10 18.13 3.52 1.57
CA PHE A 10 18.51 2.31 0.86
C PHE A 10 17.38 2.03 -0.10
N ARG A 11 17.57 1.05 -1.00
CA ARG A 11 16.47 0.63 -1.87
C ARG A 11 16.55 -0.88 -2.03
N TYR A 12 15.37 -1.50 -2.12
CA TYR A 12 15.21 -2.85 -2.55
C TYR A 12 14.73 -2.93 -4.02
N GLY A 13 14.12 -1.85 -4.56
CA GLY A 13 13.54 -1.93 -5.90
C GLY A 13 12.27 -2.74 -5.96
N ASN A 14 12.02 -3.40 -7.08
CA ASN A 14 10.76 -4.09 -7.30
C ASN A 14 11.03 -5.22 -8.26
N ASN A 15 10.15 -6.22 -8.26
CA ASN A 15 10.26 -7.32 -9.22
C ASN A 15 9.15 -7.22 -10.28
N LEU A 16 8.69 -5.99 -10.59
CA LEU A 16 7.59 -5.70 -11.50
C LEU A 16 8.09 -5.16 -12.84
N GLY A 17 9.42 -5.00 -12.99
CA GLY A 17 10.00 -4.45 -14.23
C GLY A 17 9.85 -2.93 -14.36
N LEU A 18 9.54 -2.27 -13.24
CA LEU A 18 9.34 -0.83 -13.21
C LEU A 18 10.66 -0.10 -12.98
N THR A 19 10.94 0.93 -13.81
CA THR A 19 12.21 1.63 -13.71
C THR A 19 11.99 3.12 -13.94
N PRO A 20 12.91 3.97 -13.44
CA PRO A 20 13.99 3.61 -12.51
C PRO A 20 13.37 3.30 -11.14
N ILE A 21 14.08 2.52 -10.35
CA ILE A 21 13.44 2.02 -9.11
C ILE A 21 13.09 3.09 -8.11
N GLU A 22 13.80 4.22 -8.14
CA GLU A 22 13.54 5.32 -7.22
C GLU A 22 12.24 6.06 -7.54
N ASN A 23 11.63 5.79 -8.69
CA ASN A 23 10.34 6.40 -9.01
C ASN A 23 9.15 5.59 -8.49
N TYR A 24 9.43 4.49 -7.77
CA TYR A 24 8.39 3.58 -7.27
C TYR A 24 8.71 3.18 -5.85
N ALA A 25 7.68 2.77 -5.09
CA ALA A 25 7.94 2.13 -3.80
C ALA A 25 8.72 0.85 -4.02
N ASP A 26 9.37 0.40 -2.92
CA ASP A 26 9.95 -0.94 -2.89
C ASP A 26 8.82 -1.96 -2.74
N GLN A 27 8.62 -2.79 -3.75
CA GLN A 27 7.40 -3.62 -3.81
C GLN A 27 7.61 -4.86 -4.63
N PHE A 28 7.09 -5.99 -4.12
CA PHE A 28 7.33 -7.30 -4.68
C PHE A 28 6.06 -8.10 -4.78
N ARG A 29 5.80 -8.62 -5.97
CA ARG A 29 4.65 -9.46 -6.20
C ARG A 29 5.07 -10.91 -6.17
N ILE A 30 4.25 -11.71 -5.52
CA ILE A 30 4.31 -13.17 -5.64
C ILE A 30 3.25 -13.53 -6.68
N GLU A 31 3.69 -14.11 -7.80
CA GLU A 31 2.81 -14.37 -8.93
C GLU A 31 1.67 -15.33 -8.55
N ALA A 32 0.56 -15.22 -9.25
CA ALA A 32 -0.57 -16.10 -9.07
C ALA A 32 -0.10 -17.56 -9.11
N GLY A 33 -0.53 -18.35 -8.12
CA GLY A 33 -0.12 -19.74 -8.05
C GLY A 33 1.29 -20.00 -7.57
N GLY A 34 2.00 -18.95 -7.17
CA GLY A 34 3.35 -19.09 -6.59
C GLY A 34 3.42 -19.27 -5.10
N LYS A 35 4.64 -19.17 -4.60
CA LYS A 35 4.94 -19.43 -3.20
C LYS A 35 5.65 -18.24 -2.61
N LEU A 36 5.26 -17.87 -1.38
CA LEU A 36 5.92 -16.77 -0.66
C LEU A 36 7.43 -16.95 -0.48
N ASN A 37 7.87 -18.20 -0.29
CA ASN A 37 9.29 -18.46 -0.11
C ASN A 37 10.15 -18.28 -1.38
N SER A 38 9.50 -17.94 -2.51
CA SER A 38 10.28 -17.66 -3.72
C SER A 38 10.69 -16.20 -3.86
N VAL A 39 10.16 -15.33 -3.01
CA VAL A 39 10.43 -13.89 -3.16
C VAL A 39 11.05 -13.42 -1.86
N LYS A 40 12.37 -13.29 -1.85
CA LYS A 40 13.13 -12.94 -0.65
C LYS A 40 14.04 -11.78 -1.04
N PRO A 41 13.51 -10.57 -1.05
CA PRO A 41 14.28 -9.47 -1.66
C PRO A 41 15.48 -9.08 -0.82
N VAL A 42 16.53 -8.68 -1.55
CA VAL A 42 17.72 -8.12 -0.93
CA VAL A 42 17.75 -8.17 -0.97
C VAL A 42 17.93 -6.69 -1.41
N PRO A 43 18.55 -5.85 -0.56
CA PRO A 43 18.73 -4.47 -0.99
C PRO A 43 19.73 -4.33 -2.14
N THR A 44 19.52 -3.29 -2.91
CA THR A 44 20.35 -3.09 -4.13
CA THR A 44 20.27 -3.07 -4.15
C THR A 44 21.00 -1.72 -4.23
N ALA A 45 20.70 -0.81 -3.30
CA ALA A 45 21.24 0.56 -3.37
C ALA A 45 21.29 1.19 -2.01
N THR A 46 22.23 2.11 -1.83
CA THR A 46 22.28 2.95 -0.62
C THR A 46 23.22 4.09 -0.83
N ASP A 47 23.07 5.17 -0.06
CA ASP A 47 24.10 6.22 -0.03
C ASP A 47 25.03 6.06 1.18
N ALA A 48 24.88 4.98 1.96
CA ALA A 48 25.81 4.72 3.07
C ALA A 48 27.21 4.53 2.48
N LYS A 49 28.19 5.28 2.97
CA LYS A 49 29.54 5.20 2.39
C LYS A 49 30.15 3.82 2.60
N ASP A 50 29.84 3.18 3.72
CA ASP A 50 30.40 1.85 3.99
C ASP A 50 29.60 0.74 3.29
N GLY A 51 28.45 1.09 2.71
CA GLY A 51 27.70 0.18 1.86
C GLY A 51 26.77 -0.80 2.53
N LEU A 52 26.09 -1.60 1.71
CA LEU A 52 25.01 -2.47 2.20
C LEU A 52 25.44 -3.52 3.20
N SER A 53 26.71 -3.96 3.14
CA SER A 53 27.16 -5.03 4.05
CA SER A 53 27.20 -5.03 4.04
C SER A 53 27.78 -4.46 5.33
N SER A 54 27.63 -3.14 5.55
CA SER A 54 28.06 -2.48 6.79
C SER A 54 26.89 -2.09 7.67
N LEU A 55 25.68 -2.31 7.18
CA LEU A 55 24.49 -1.87 7.90
C LEU A 55 23.87 -2.99 8.72
N LYS A 56 23.28 -2.65 9.87
CA LYS A 56 22.49 -3.61 10.67
C LYS A 56 21.05 -3.51 10.16
N TRP A 57 20.53 -4.64 9.69
CA TRP A 57 19.16 -4.69 9.08
C TRP A 57 18.20 -5.25 10.08
N GLU A 58 17.11 -4.52 10.28
CA GLU A 58 15.99 -4.93 11.12
C GLU A 58 14.66 -4.81 10.37
N VAL A 59 13.68 -5.62 10.79
CA VAL A 59 12.36 -5.58 10.14
C VAL A 59 11.26 -5.63 11.19
N GLU A 60 10.15 -4.94 10.90
CA GLU A 60 8.93 -5.03 11.68
C GLU A 60 7.76 -5.29 10.76
N LEU A 61 7.03 -6.37 10.94
CA LEU A 61 5.81 -6.61 10.17
C LEU A 61 4.73 -5.59 10.53
N LYS A 62 4.18 -4.88 9.54
CA LYS A 62 3.05 -3.98 9.79
C LYS A 62 1.71 -4.57 9.38
N HIS A 63 1.64 -5.12 8.18
CA HIS A 63 0.39 -5.67 7.66
C HIS A 63 0.60 -7.01 7.00
N ASN A 64 -0.23 -8.04 7.28
CA ASN A 64 -1.44 -8.02 8.10
C ASN A 64 -1.10 -8.64 9.46
N PRO A 65 -1.30 -7.89 10.55
CA PRO A 65 -0.86 -8.41 11.83
C PRO A 65 -1.58 -9.72 12.23
N ASN A 66 -2.75 -10.00 11.65
CA ASN A 66 -3.58 -11.17 12.06
C ASN A 66 -2.98 -12.49 11.54
N ASN A 67 -2.17 -12.42 10.50
CA ASN A 67 -1.71 -13.63 9.81
C ASN A 67 -0.33 -13.61 9.14
N THR A 68 0.31 -12.45 9.04
CA THR A 68 1.58 -12.38 8.34
C THR A 68 2.72 -12.19 9.30
N LYS A 69 3.88 -12.77 8.97
CA LYS A 69 5.09 -12.54 9.73
C LYS A 69 6.23 -12.18 8.77
N ALA A 70 7.28 -11.54 9.28
CA ALA A 70 8.46 -11.21 8.49
C ALA A 70 9.70 -11.38 9.35
N THR A 71 10.77 -11.85 8.72
CA THR A 71 12.11 -11.84 9.31
C THR A 71 13.12 -11.27 8.31
N ILE A 72 14.29 -10.94 8.81
CA ILE A 72 15.32 -10.31 7.98
C ILE A 72 16.66 -10.90 8.36
N ASN A 73 17.54 -11.08 7.39
CA ASN A 73 18.93 -11.39 7.65
C ASN A 73 19.62 -10.10 8.09
N GLU A 74 20.14 -10.03 9.32
CA GLU A 74 20.69 -8.79 9.89
C GLU A 74 21.91 -8.24 9.10
N SER A 75 22.64 -9.13 8.41
CA SER A 75 23.85 -8.75 7.65
C SER A 75 23.50 -8.44 6.20
N THR A 76 22.68 -9.26 5.56
CA THR A 76 22.46 -9.06 4.12
C THR A 76 21.22 -8.21 3.78
N GLY A 77 20.34 -8.05 4.75
CA GLY A 77 19.08 -7.35 4.52
C GLY A 77 18.02 -8.17 3.79
N GLN A 78 18.25 -9.47 3.56
CA GLN A 78 17.26 -10.29 2.83
C GLN A 78 16.02 -10.42 3.67
N ILE A 79 14.88 -10.10 3.07
CA ILE A 79 13.61 -10.19 3.81
C ILE A 79 12.90 -11.49 3.45
N THR A 80 12.30 -12.16 4.44
CA THR A 80 11.45 -13.30 4.20
C THR A 80 10.08 -13.03 4.84
N ILE A 81 9.03 -13.27 4.07
CA ILE A 81 7.66 -13.10 4.51
C ILE A 81 6.99 -14.48 4.58
N THR A 82 6.20 -14.68 5.63
CA THR A 82 5.37 -15.88 5.73
C THR A 82 3.93 -15.50 6.09
N GLY A 83 2.99 -16.36 5.70
CA GLY A 83 1.58 -16.23 6.18
C GLY A 83 0.73 -15.23 5.40
N LEU A 84 1.33 -14.36 4.59
CA LEU A 84 0.53 -13.47 3.77
C LEU A 84 -0.41 -14.31 2.92
N LYS A 85 -1.69 -13.94 2.87
CA LYS A 85 -2.70 -14.72 2.12
C LYS A 85 -2.81 -14.32 0.66
N GLN A 86 -3.12 -15.29 -0.17
CA GLN A 86 -3.35 -15.03 -1.59
C GLN A 86 -4.44 -13.99 -1.78
N GLY A 87 -4.20 -13.07 -2.68
CA GLY A 87 -5.13 -11.97 -2.96
C GLY A 87 -4.94 -10.75 -2.09
N GLN A 88 -3.95 -10.78 -1.20
CA GLN A 88 -3.72 -9.69 -0.23
C GLN A 88 -2.35 -9.03 -0.42
N CYS A 89 -2.22 -7.79 0.06
CA CYS A 89 -0.93 -7.16 0.21
C CYS A 89 -0.48 -7.17 1.65
N GLY A 90 0.83 -7.13 1.82
CA GLY A 90 1.44 -6.98 3.13
C GLY A 90 2.41 -5.82 3.11
N MET A 91 2.88 -5.41 4.28
CA MET A 91 3.77 -4.26 4.44
CA MET A 91 3.85 -4.32 4.39
C MET A 91 4.71 -4.54 5.61
N VAL A 92 5.99 -4.28 5.45
CA VAL A 92 6.97 -4.29 6.50
C VAL A 92 7.64 -2.92 6.60
N MET A 93 8.21 -2.56 7.73
CA MET A 93 9.14 -1.46 7.87
C MET A 93 10.54 -2.04 8.08
N VAL A 94 11.48 -1.66 7.19
CA VAL A 94 12.88 -2.03 7.30
C VAL A 94 13.66 -0.91 7.92
N THR A 95 14.46 -1.24 8.95
CA THR A 95 15.37 -0.23 9.51
C THR A 95 16.79 -0.66 9.24
N ALA A 96 17.59 0.24 8.67
CA ALA A 96 19.02 0.02 8.51
C ALA A 96 19.79 0.99 9.37
N THR A 97 20.77 0.47 10.12
CA THR A 97 21.55 1.31 11.01
C THR A 97 23.02 1.22 10.67
N ALA A 98 23.64 2.38 10.55
CA ALA A 98 25.08 2.53 10.34
C ALA A 98 25.73 2.94 11.66
N GLY A 99 26.74 2.21 12.08
CA GLY A 99 27.46 2.58 13.29
C GLY A 99 26.82 2.13 14.60
N GLU A 100 27.34 2.64 15.71
CA GLU A 100 26.89 2.26 17.05
C GLU A 100 26.97 3.47 17.97
N GLY A 101 26.21 3.43 19.07
CA GLY A 101 26.26 4.47 20.09
C GLY A 101 25.64 5.77 19.64
N LYS A 102 26.21 6.87 20.15
CA LYS A 102 25.65 8.21 19.99
C LYS A 102 25.64 8.71 18.54
N THR A 103 26.61 8.30 17.74
CA THR A 103 26.69 8.72 16.32
C THR A 103 26.10 7.71 15.34
N ALA A 104 25.45 6.66 15.85
CA ALA A 104 24.71 5.74 14.97
C ALA A 104 23.60 6.50 14.26
N VAL A 105 23.31 6.08 13.03
CA VAL A 105 22.25 6.65 12.24
C VAL A 105 21.39 5.53 11.71
N SER A 106 20.08 5.68 11.90
CA SER A 106 19.11 4.71 11.39
C SER A 106 18.21 5.36 10.36
N VAL A 107 17.87 4.61 9.32
CA VAL A 107 16.91 5.03 8.32
C VAL A 107 15.86 3.92 8.22
N LYS A 108 14.59 4.30 8.26
CA LYS A 108 13.50 3.33 8.16
C LYS A 108 12.67 3.63 6.90
N GLN A 109 12.26 2.57 6.22
CA GLN A 109 11.45 2.68 4.98
C GLN A 109 10.52 1.49 4.88
N PRO A 110 9.34 1.68 4.28
CA PRO A 110 8.47 0.52 4.04
C PRO A 110 8.93 -0.34 2.84
N VAL A 111 8.60 -1.63 2.88
CA VAL A 111 8.65 -2.53 1.75
C VAL A 111 7.30 -3.22 1.66
N PHE A 112 6.73 -3.34 0.47
CA PHE A 112 5.41 -3.85 0.25
C PHE A 112 5.42 -5.13 -0.54
N PHE A 113 4.40 -5.96 -0.30
CA PHE A 113 4.23 -7.25 -0.96
C PHE A 113 2.82 -7.45 -1.44
N HIS A 114 2.69 -8.09 -2.60
CA HIS A 114 1.36 -8.47 -3.11
C HIS A 114 1.39 -9.91 -3.48
N PHE A 115 0.49 -10.70 -2.90
CA PHE A 115 0.36 -12.14 -3.24
C PHE A 115 -0.80 -12.19 -4.22
N SER A 116 -0.50 -12.30 -5.51
CA SER A 116 -1.54 -12.29 -6.53
C SER A 116 -2.28 -13.63 -6.61
N MET A 117 -3.43 -13.65 -7.28
CA MET A 117 -4.20 -14.86 -7.48
C MET A 117 -5.20 -14.68 -8.60
N ILE A 118 -5.68 -15.81 -9.12
CA ILE A 118 -6.90 -15.82 -9.92
C ILE A 118 -8.05 -16.07 -8.94
N SER A 119 -8.93 -15.08 -8.83
CA SER A 119 -10.09 -15.13 -7.91
C SER A 119 -11.36 -15.55 -8.66
N ASP A 120 -12.55 -15.32 -8.10
CA ASP A 120 -13.77 -15.77 -8.78
C ASP A 120 -13.88 -15.19 -10.19
N SER A 121 -14.55 -15.94 -11.06
CA SER A 121 -14.92 -15.46 -12.39
C SER A 121 -13.70 -15.13 -13.26
N ASN A 122 -12.61 -15.85 -13.02
CA ASN A 122 -11.37 -15.72 -13.81
C ASN A 122 -10.66 -14.38 -13.72
N VAL A 123 -11.00 -13.60 -12.68
CA VAL A 123 -10.40 -12.28 -12.45
C VAL A 123 -9.00 -12.48 -11.90
N GLN A 124 -8.06 -11.73 -12.45
CA GLN A 124 -6.71 -11.70 -11.92
C GLN A 124 -6.37 -10.21 -11.76
N LEU A 125 -6.77 -9.63 -10.64
CA LEU A 125 -6.72 -8.16 -10.54
C LEU A 125 -5.35 -7.70 -10.05
N GLU A 126 -4.63 -6.96 -10.91
CA GLU A 126 -3.27 -6.57 -10.60
C GLU A 126 -3.04 -5.10 -10.94
N TYR A 127 -2.67 -4.30 -9.95
CA TYR A 127 -2.20 -2.95 -10.17
C TYR A 127 -0.66 -3.04 -10.24
N THR A 128 -0.09 -2.44 -11.26
CA THR A 128 1.38 -2.44 -11.41
C THR A 128 1.79 -1.01 -11.68
N PRO A 129 2.30 -0.26 -10.70
CA PRO A 129 2.63 -0.67 -9.33
C PRO A 129 1.37 -0.83 -8.48
N PHE A 130 1.52 -1.69 -7.47
CA PHE A 130 0.45 -1.92 -6.48
C PHE A 130 0.58 -1.03 -5.28
N VAL A 131 1.58 -0.16 -5.19
CA VAL A 131 1.70 0.86 -4.17
C VAL A 131 1.49 2.19 -4.90
N PHE A 132 0.39 2.86 -4.64
CA PHE A 132 0.08 4.16 -5.26
C PHE A 132 0.68 5.22 -4.34
N GLN A 133 1.72 5.93 -4.79
CA GLN A 133 2.36 6.99 -4.06
C GLN A 133 1.67 8.29 -4.39
N VAL A 134 1.01 8.90 -3.41
CA VAL A 134 0.16 10.05 -3.63
C VAL A 134 0.48 11.16 -2.65
N ASN A 135 0.41 12.41 -3.12
CA ASN A 135 0.58 13.58 -2.27
C ASN A 135 -0.81 13.93 -1.71
N PRO A 136 -1.04 13.84 -0.40
CA PRO A 136 -2.38 14.08 0.15
C PRO A 136 -2.85 15.51 -0.01
N ALA A 137 -1.96 16.48 -0.25
CA ALA A 137 -2.42 17.84 -0.53
C ALA A 137 -3.06 17.92 -1.91
N ARG A 138 -2.48 17.26 -2.88
CA ARG A 138 -2.86 17.37 -4.27
C ARG A 138 -3.85 16.29 -4.72
N GLY A 139 -3.85 15.15 -4.05
CA GLY A 139 -4.62 14.04 -4.54
C GLY A 139 -3.99 13.44 -5.78
N GLY A 140 -4.67 12.49 -6.38
CA GLY A 140 -4.22 11.88 -7.63
C GLY A 140 -4.95 10.60 -7.91
N GLU A 141 -4.48 9.86 -8.91
CA GLU A 141 -5.08 8.60 -9.34
C GLU A 141 -4.03 7.56 -9.57
N SER A 142 -4.33 6.33 -9.18
CA SER A 142 -3.42 5.21 -9.33
C SER A 142 -3.29 4.79 -10.79
N ILE A 143 -2.39 3.84 -11.05
CA ILE A 143 -2.37 3.12 -12.33
C ILE A 143 -3.71 2.44 -12.58
N ALA A 144 -4.08 2.19 -13.83
CA ALA A 144 -5.22 1.36 -14.14
C ALA A 144 -4.79 -0.09 -14.02
N PRO A 145 -5.58 -0.95 -13.34
CA PRO A 145 -5.16 -2.32 -13.15
C PRO A 145 -5.40 -3.18 -14.39
N SER A 146 -4.70 -4.30 -14.49
CA SER A 146 -5.13 -5.32 -15.43
CA SER A 146 -5.06 -5.37 -15.40
C SER A 146 -6.15 -6.21 -14.69
N LEU A 147 -7.12 -6.70 -15.45
CA LEU A 147 -8.25 -7.43 -14.85
C LEU A 147 -8.16 -8.93 -15.02
N GLY A 148 -7.42 -9.39 -16.03
CA GLY A 148 -7.31 -10.80 -16.34
C GLY A 148 -7.80 -11.09 -17.75
N ALA A 149 -7.23 -12.09 -18.39
CA ALA A 149 -7.70 -12.54 -19.71
C ALA A 149 -9.20 -12.91 -19.69
N GLY A 150 -9.96 -12.41 -20.65
CA GLY A 150 -11.36 -12.81 -20.82
C GLY A 150 -12.35 -11.94 -20.05
N ILE A 151 -11.87 -11.02 -19.22
CA ILE A 151 -12.78 -10.17 -18.45
C ILE A 151 -13.37 -9.06 -19.35
N ASP A 152 -14.70 -8.89 -19.28
CA ASP A 152 -15.37 -7.78 -19.96
C ASP A 152 -15.24 -6.55 -19.07
N LYS A 153 -14.38 -5.61 -19.45
CA LYS A 153 -14.18 -4.42 -18.64
C LYS A 153 -15.46 -3.57 -18.55
N SER A 154 -16.33 -3.59 -19.59
CA SER A 154 -17.54 -2.77 -19.60
CA SER A 154 -17.54 -2.77 -19.60
C SER A 154 -18.59 -3.20 -18.56
N THR A 155 -18.57 -4.48 -18.16
CA THR A 155 -19.50 -4.98 -17.16
C THR A 155 -18.81 -5.21 -15.80
N PHE A 156 -17.53 -4.85 -15.69
CA PHE A 156 -16.80 -5.00 -14.42
C PHE A 156 -17.13 -3.82 -13.53
N ARG A 157 -17.35 -4.09 -12.24
CA ARG A 157 -17.52 -3.04 -11.22
C ARG A 157 -16.64 -3.37 -10.03
N LEU A 158 -16.06 -2.35 -9.40
CA LEU A 158 -15.00 -2.55 -8.40
C LEU A 158 -15.10 -1.46 -7.33
N ASP A 159 -15.16 -1.82 -6.05
CA ASP A 159 -15.37 -0.81 -5.01
C ASP A 159 -14.80 -1.21 -3.69
N TYR A 160 -14.20 -0.28 -2.97
CA TYR A 160 -13.83 -0.57 -1.57
C TYR A 160 -15.05 -1.01 -0.80
N ARG A 161 -14.78 -1.83 0.22
CA ARG A 161 -15.86 -2.50 1.01
C ARG A 161 -15.69 -2.51 2.52
N ARG A 162 -14.52 -2.97 3.00
CA ARG A 162 -14.38 -3.34 4.43
C ARG A 162 -12.90 -3.47 4.71
N ASP A 163 -12.54 -3.71 5.97
CA ASP A 163 -11.21 -4.10 6.39
C ASP A 163 -10.19 -3.03 5.97
N PHE A 164 -10.39 -1.82 6.48
CA PHE A 164 -9.50 -0.72 6.22
C PHE A 164 -8.48 -0.64 7.35
N PHE A 165 -7.21 -0.44 7.01
CA PHE A 165 -6.12 -0.36 7.99
C PHE A 165 -5.24 0.81 7.57
N TYR A 166 -4.67 1.53 8.53
CA TYR A 166 -3.74 2.60 8.25
C TYR A 166 -2.49 2.47 9.06
N TYR A 167 -1.31 2.69 8.47
CA TYR A 167 -0.04 2.59 9.20
C TYR A 167 0.69 3.91 9.03
N ASN A 168 0.84 4.65 10.12
CA ASN A 168 1.64 5.87 10.08
C ASN A 168 3.07 5.50 9.75
N ILE A 169 3.69 6.27 8.86
CA ILE A 169 5.08 6.02 8.47
C ILE A 169 5.96 7.10 9.07
N ALA A 170 5.77 8.34 8.63
CA ALA A 170 6.57 9.45 9.17
C ALA A 170 5.73 10.67 9.54
N GLY A 171 4.43 10.45 9.75
CA GLY A 171 3.52 11.48 10.22
C GLY A 171 3.61 11.61 11.72
N PRO A 172 2.76 12.46 12.29
CA PRO A 172 2.76 12.64 13.74
C PRO A 172 2.29 11.37 14.44
N ASP A 173 2.84 11.09 15.64
CA ASP A 173 2.45 9.91 16.38
C ASP A 173 0.96 9.94 16.70
N SER A 174 0.37 11.14 16.70
CA SER A 174 -1.05 11.28 16.95
C SER A 174 -1.95 10.73 15.80
N HIS A 175 -1.37 10.41 14.64
CA HIS A 175 -2.05 9.63 13.60
C HIS A 175 -1.98 8.16 13.96
N ILE A 176 -2.89 7.72 14.81
CA ILE A 176 -2.78 6.39 15.43
C ILE A 176 -3.03 5.31 14.37
N SER A 177 -2.10 4.34 14.29
CA SER A 177 -2.16 3.25 13.31
C SER A 177 -3.17 2.17 13.71
N GLY A 178 -3.68 1.45 12.73
CA GLY A 178 -4.42 0.22 12.94
C GLY A 178 -5.70 0.16 12.15
N ALA A 179 -6.49 -0.90 12.39
CA ALA A 179 -7.73 -1.13 11.70
C ALA A 179 -8.77 -0.12 12.07
N LEU A 180 -9.55 0.32 11.09
CA LEU A 180 -10.81 0.98 11.34
C LEU A 180 -11.76 0.01 12.06
N ALA A 181 -12.17 0.38 13.27
CA ALA A 181 -12.91 -0.57 14.18
C ALA A 181 -13.84 0.20 15.11
N GLN A 182 -14.95 -0.46 15.49
CA GLN A 182 -15.88 0.15 16.44
C GLN A 182 -15.17 0.45 17.75
N LYS A 183 -15.45 1.61 18.33
CA LYS A 183 -14.95 2.02 19.67
C LYS A 183 -13.44 2.21 19.75
N VAL A 184 -12.78 2.26 18.58
CA VAL A 184 -11.36 2.56 18.53
C VAL A 184 -11.20 3.94 17.88
N ASP A 185 -10.53 4.86 18.58
CA ASP A 185 -10.20 6.18 18.06
C ASP A 185 -8.81 6.14 17.46
N ASN A 186 -8.75 6.25 16.13
CA ASN A 186 -7.46 6.21 15.45
C ASN A 186 -7.52 7.06 14.19
N PHE A 187 -6.48 7.02 13.37
CA PHE A 187 -6.44 7.94 12.24
C PHE A 187 -7.62 7.66 11.32
N LEU A 188 -7.94 6.37 11.09
CA LEU A 188 -9.05 6.07 10.19
C LEU A 188 -10.39 6.47 10.75
N SER A 189 -10.65 6.32 12.05
CA SER A 189 -11.93 6.79 12.56
C SER A 189 -12.05 8.29 12.43
N GLU A 190 -10.94 9.00 12.63
CA GLU A 190 -10.94 10.44 12.48
C GLU A 190 -11.25 10.82 11.00
N MET A 191 -10.57 10.15 10.04
CA MET A 191 -10.85 10.37 8.63
C MET A 191 -12.31 10.06 8.30
N TRP A 192 -12.79 8.91 8.76
CA TRP A 192 -14.17 8.54 8.47
C TRP A 192 -15.13 9.58 8.98
N ASN A 193 -14.94 9.97 10.24
CA ASN A 193 -15.83 10.94 10.84
C ASN A 193 -15.81 12.29 10.10
N SER A 194 -14.63 12.64 9.54
CA SER A 194 -14.53 13.88 8.77
C SER A 194 -15.33 13.85 7.46
N TYR A 195 -15.52 12.66 6.91
CA TYR A 195 -16.43 12.47 5.76
C TYR A 195 -17.90 12.57 6.21
N ASP A 196 -18.27 11.86 7.28
CA ASP A 196 -19.64 11.90 7.83
C ASP A 196 -19.58 11.34 9.24
N ALA A 197 -20.22 12.04 10.18
CA ALA A 197 -20.24 11.60 11.56
C ALA A 197 -20.88 10.20 11.70
N THR A 198 -21.72 9.81 10.75
CA THR A 198 -22.39 8.49 10.78
C THR A 198 -21.71 7.40 9.96
N ALA A 199 -20.55 7.70 9.38
CA ALA A 199 -19.88 6.73 8.49
C ALA A 199 -19.49 5.41 9.19
N GLY A 200 -19.22 5.46 10.51
CA GLY A 200 -18.93 4.24 11.28
C GLY A 200 -17.74 3.47 10.75
N THR A 201 -17.95 2.20 10.40
CA THR A 201 -16.88 1.40 9.80
C THR A 201 -17.27 1.00 8.38
N SER A 202 -18.20 1.75 7.80
CA SER A 202 -18.78 1.42 6.48
C SER A 202 -17.81 1.73 5.33
N ARG A 203 -18.17 1.28 4.13
CA ARG A 203 -17.36 1.58 2.95
C ARG A 203 -17.55 3.01 2.49
N LYS A 204 -18.51 3.75 3.06
CA LYS A 204 -18.99 4.98 2.40
C LYS A 204 -17.90 6.01 2.04
N PRO A 205 -16.95 6.30 2.95
CA PRO A 205 -15.96 7.35 2.60
C PRO A 205 -15.04 6.99 1.44
N MET A 206 -14.97 5.71 1.11
CA MET A 206 -14.05 5.21 0.08
C MET A 206 -14.79 4.61 -1.12
N SER A 207 -16.10 4.86 -1.20
CA SER A 207 -16.95 4.16 -2.14
C SER A 207 -17.45 5.02 -3.32
N TYR A 208 -17.27 4.50 -4.53
CA TYR A 208 -17.90 5.07 -5.70
C TYR A 208 -19.43 4.98 -5.59
N PHE A 209 -19.93 3.80 -5.28
CA PHE A 209 -21.37 3.57 -5.30
C PHE A 209 -22.15 4.38 -4.26
N GLU A 210 -21.45 4.81 -3.20
CA GLU A 210 -22.08 5.63 -2.15
C GLU A 210 -21.88 7.12 -2.36
N ASN A 211 -21.20 7.51 -3.46
CA ASN A 211 -20.85 8.91 -3.73
C ASN A 211 -21.07 9.29 -5.18
N THR A 212 -21.98 8.61 -5.89
CA THR A 212 -22.07 8.76 -7.33
C THR A 212 -22.36 10.19 -7.73
N THR A 213 -23.06 10.96 -6.90
CA THR A 213 -23.43 12.33 -7.28
C THR A 213 -22.54 13.36 -6.60
N ASN A 214 -21.54 12.87 -5.85
CA ASN A 214 -20.62 13.80 -5.21
C ASN A 214 -19.24 13.20 -5.02
N LEU A 215 -18.65 12.74 -6.12
CA LEU A 215 -17.40 11.99 -5.99
C LEU A 215 -16.30 12.81 -5.36
N SER A 216 -16.35 14.13 -5.57
CA SER A 216 -15.28 15.01 -5.10
C SER A 216 -15.27 15.05 -3.55
N LYS A 217 -16.36 14.57 -2.90
CA LYS A 217 -16.48 14.56 -1.42
C LYS A 217 -15.91 13.30 -0.76
N ALA A 218 -15.74 12.23 -1.55
CA ALA A 218 -15.21 10.98 -0.97
C ALA A 218 -13.77 11.21 -0.54
N LEU A 219 -13.32 10.49 0.49
CA LEU A 219 -11.86 10.46 0.75
C LEU A 219 -11.10 9.89 -0.47
N GLY A 220 -11.72 8.96 -1.13
CA GLY A 220 -11.19 8.31 -2.30
C GLY A 220 -12.24 7.39 -2.88
N TYR A 221 -12.02 6.89 -4.09
CA TYR A 221 -13.00 6.00 -4.72
C TYR A 221 -12.34 5.36 -5.93
N ILE A 222 -12.91 4.28 -6.40
CA ILE A 222 -12.51 3.64 -7.65
C ILE A 222 -13.44 4.06 -8.75
N ASP A 223 -12.89 4.50 -9.88
CA ASP A 223 -13.76 4.84 -11.02
C ASP A 223 -14.17 3.56 -11.77
N GLN A 224 -15.33 3.58 -12.43
CA GLN A 224 -15.88 2.38 -13.09
C GLN A 224 -15.56 2.29 -14.59
N THR A 225 -14.62 3.10 -15.07
CA THR A 225 -14.21 3.09 -16.47
C THR A 225 -12.87 2.38 -16.64
N ASP A 226 -11.91 2.87 -15.87
CA ASP A 226 -10.54 2.34 -15.87
C ASP A 226 -10.14 1.67 -14.56
N PHE A 227 -10.94 1.81 -13.50
CA PHE A 227 -10.72 1.12 -12.22
C PHE A 227 -9.48 1.61 -11.49
N LYS A 228 -9.08 2.86 -11.76
CA LYS A 228 -8.05 3.50 -10.96
C LYS A 228 -8.63 3.86 -9.60
N VAL A 229 -7.77 3.84 -8.59
CA VAL A 229 -8.11 4.42 -7.30
C VAL A 229 -7.82 5.93 -7.34
N HIS A 230 -8.83 6.75 -7.00
CA HIS A 230 -8.71 8.19 -6.88
C HIS A 230 -8.65 8.60 -5.47
N ILE A 231 -7.71 9.48 -5.13
CA ILE A 231 -7.58 10.10 -3.81
C ILE A 231 -7.86 11.58 -3.98
N ASN A 232 -8.85 12.10 -3.28
CA ASN A 232 -9.19 13.52 -3.42
C ASN A 232 -8.28 14.40 -2.60
N PRO A 233 -8.07 15.64 -3.07
CA PRO A 233 -7.14 16.56 -2.39
C PRO A 233 -7.66 17.11 -1.07
N ASN A 234 -6.74 17.45 -0.19
CA ASN A 234 -7.03 18.24 0.99
C ASN A 234 -7.91 17.55 2.06
N LEU A 235 -8.00 16.21 2.02
CA LEU A 235 -8.84 15.47 2.99
C LEU A 235 -8.02 14.61 3.95
N TRP A 236 -6.90 14.04 3.46
CA TRP A 236 -6.08 13.14 4.26
C TRP A 236 -5.09 13.95 5.03
N ARG A 237 -5.59 14.63 6.05
CA ARG A 237 -4.83 15.59 6.84
C ARG A 237 -5.67 15.92 8.08
N ASN A 238 -4.99 16.44 9.07
CA ASN A 238 -5.66 17.07 10.20
C ASN A 238 -4.72 18.15 10.75
N LYS A 239 -5.12 18.80 11.84
CA LYS A 239 -4.36 19.95 12.33
C LYS A 239 -2.93 19.55 12.67
N ASP A 240 -2.79 18.33 13.22
CA ASP A 240 -1.43 17.85 13.51
C ASP A 240 -0.56 17.62 12.28
N GLY A 241 -1.18 17.38 11.14
CA GLY A 241 -0.41 17.24 9.91
C GLY A 241 -1.08 16.46 8.81
N TYR A 242 -0.50 16.54 7.62
CA TYR A 242 -0.89 15.70 6.50
C TYR A 242 -0.65 14.21 6.82
N ALA A 243 -1.46 13.34 6.24
CA ALA A 243 -1.17 11.92 6.28
C ALA A 243 0.23 11.66 5.73
N ASN A 244 0.99 10.81 6.42
CA ASN A 244 2.27 10.35 5.97
C ASN A 244 2.32 8.90 6.41
N GLY A 245 1.88 8.01 5.56
CA GLY A 245 1.55 6.66 5.96
C GLY A 245 0.85 5.89 4.87
N ALA A 246 0.42 4.67 5.16
CA ALA A 246 -0.07 3.77 4.13
C ALA A 246 -1.42 3.17 4.52
N MET A 247 -2.37 3.14 3.60
CA MET A 247 -3.73 2.60 3.80
C MET A 247 -3.99 1.44 2.89
N ILE A 248 -4.55 0.37 3.47
CA ILE A 248 -5.04 -0.76 2.71
C ILE A 248 -6.51 -1.01 3.05
N GLY A 249 -7.33 -1.38 2.08
CA GLY A 249 -8.75 -1.79 2.33
C GLY A 249 -9.09 -2.90 1.42
N GLN A 250 -10.06 -3.75 1.80
CA GLN A 250 -10.60 -4.76 0.92
C GLN A 250 -11.48 -4.12 -0.11
N ILE A 251 -11.31 -4.63 -1.34
CA ILE A 251 -12.07 -4.18 -2.52
C ILE A 251 -12.87 -5.39 -3.06
N THR A 252 -14.13 -5.16 -3.42
CA THR A 252 -14.95 -6.22 -3.97
C THR A 252 -15.27 -5.93 -5.43
N TYR A 253 -15.60 -6.96 -6.19
CA TYR A 253 -15.92 -6.73 -7.61
C TYR A 253 -17.14 -7.56 -7.99
N ASP A 254 -17.73 -7.15 -9.11
CA ASP A 254 -18.86 -7.80 -9.72
C ASP A 254 -18.60 -7.84 -11.23
N VAL A 255 -18.91 -8.99 -11.87
CA VAL A 255 -18.65 -9.14 -13.31
C VAL A 255 -19.94 -9.05 -14.16
N THR A 256 -21.01 -8.58 -13.53
CA THR A 256 -22.31 -8.50 -14.16
C THR A 256 -22.90 -7.08 -14.09
N GLY A 257 -22.03 -6.08 -13.96
CA GLY A 257 -22.49 -4.69 -14.09
C GLY A 257 -23.20 -4.09 -12.88
N LYS A 258 -23.04 -4.72 -11.71
CA LYS A 258 -23.78 -4.33 -10.51
C LYS A 258 -22.83 -3.83 -9.43
N ASP A 259 -23.37 -3.01 -8.50
CA ASP A 259 -22.67 -2.62 -7.28
C ASP A 259 -22.18 -3.89 -6.57
N PRO A 260 -20.88 -4.01 -6.29
CA PRO A 260 -20.33 -5.26 -5.73
C PRO A 260 -20.34 -5.34 -4.20
N GLN A 261 -21.19 -4.54 -3.57
CA GLN A 261 -21.27 -4.47 -2.12
C GLN A 261 -21.33 -5.85 -1.46
N ALA A 262 -22.15 -6.73 -2.04
CA ALA A 262 -22.51 -8.02 -1.42
C ALA A 262 -21.72 -9.18 -2.09
N ALA A 263 -20.63 -8.85 -2.79
CA ALA A 263 -19.83 -9.88 -3.40
C ALA A 263 -19.47 -10.97 -2.39
N THR A 264 -19.52 -12.22 -2.83
CA THR A 264 -19.17 -13.31 -1.95
C THR A 264 -17.66 -13.44 -1.81
N SER A 265 -17.22 -14.35 -0.91
CA SER A 265 -15.85 -14.33 -0.39
C SER A 265 -14.76 -14.45 -1.48
N GLY A 266 -15.08 -15.17 -2.56
CA GLY A 266 -14.08 -15.37 -3.63
C GLY A 266 -13.94 -14.16 -4.57
N ALA A 267 -14.77 -13.14 -4.40
CA ALA A 267 -14.70 -11.92 -5.22
C ALA A 267 -14.27 -10.71 -4.37
N ARG A 268 -13.35 -10.97 -3.43
CA ARG A 268 -12.83 -9.98 -2.49
C ARG A 268 -11.34 -10.08 -2.45
N VAL A 269 -10.69 -8.93 -2.57
CA VAL A 269 -9.21 -8.87 -2.63
C VAL A 269 -8.73 -7.59 -1.98
N SER A 270 -7.45 -7.53 -1.63
CA SER A 270 -6.85 -6.28 -1.19
CA SER A 270 -6.85 -6.27 -1.21
C SER A 270 -5.59 -6.05 -2.02
N PRO A 271 -5.79 -5.54 -3.25
CA PRO A 271 -4.72 -5.55 -4.27
C PRO A 271 -3.84 -4.31 -4.29
N ILE A 272 -4.14 -3.30 -3.48
CA ILE A 272 -3.43 -2.03 -3.62
C ILE A 272 -3.21 -1.37 -2.25
N PHE A 273 -2.01 -0.85 -2.08
CA PHE A 273 -1.70 -0.01 -0.94
C PHE A 273 -1.60 1.45 -1.36
N ILE A 274 -2.17 2.38 -0.62
CA ILE A 274 -2.03 3.79 -0.90
C ILE A 274 -1.02 4.38 0.08
N TRP A 275 0.05 5.00 -0.42
CA TRP A 275 1.07 5.58 0.42
C TRP A 275 1.03 7.07 0.29
N PHE A 276 0.60 7.80 1.30
CA PHE A 276 0.50 9.25 1.33
C PHE A 276 1.79 9.85 1.81
N ASP A 277 2.33 10.81 1.04
CA ASP A 277 3.50 11.61 1.47
C ASP A 277 3.52 12.89 0.64
N THR A 278 3.54 14.03 1.33
CA THR A 278 3.62 15.32 0.64
C THR A 278 4.88 15.50 -0.23
N LYS A 279 5.89 14.65 -0.05
CA LYS A 279 7.09 14.74 -0.86
C LYS A 279 6.91 14.11 -2.23
N PHE A 280 5.83 13.37 -2.45
CA PHE A 280 5.62 12.67 -3.73
C PHE A 280 5.14 13.61 -4.81
N LEU A 281 5.83 13.56 -5.94
CA LEU A 281 5.42 14.25 -7.16
C LEU A 281 5.21 13.15 -8.18
N GLU A 282 4.16 13.25 -8.99
CA GLU A 282 3.90 12.21 -9.99
C GLU A 282 4.98 12.10 -11.07
N HIS A 283 5.27 10.87 -11.48
CA HIS A 283 6.11 10.55 -12.62
C HIS A 283 5.18 10.16 -13.74
N HIS A 284 4.94 11.07 -14.69
CA HIS A 284 3.91 10.88 -15.70
C HIS A 284 4.40 10.17 -16.95
N HIS A 285 5.71 9.94 -17.08
CA HIS A 285 6.25 9.24 -18.26
C HIS A 285 5.80 9.91 -19.54
N HIS A 286 5.83 11.24 -19.56
CA HIS A 286 5.44 12.03 -20.74
C HIS A 286 4.01 11.79 -21.15
N HIS A 287 3.17 11.28 -20.24
CA HIS A 287 1.75 10.98 -20.53
C HIS A 287 1.64 9.96 -21.63
N HIS A 288 2.55 9.10 -21.79
C1 SGN B . -21.83 -1.28 7.48
C2 SGN B . -21.04 -2.29 6.65
C3 SGN B . -21.09 -3.65 7.36
C4 SGN B . -20.64 -3.53 8.80
C5 SGN B . -21.46 -2.48 9.56
C6 SGN B . -20.84 -2.22 10.93
N2 SGN B . -21.58 -2.34 5.29
O1 SGN B . -23.22 -1.57 7.43
O3 SGN B . -20.22 -4.52 6.64
O4 SGN B . -20.94 -4.75 9.49
O5 SGN B . -21.35 -1.25 8.82
O6 SGN B . -21.62 -1.28 11.65
S1 SGN B . -21.21 -1.27 4.17
O1S SGN B . -21.46 -1.87 2.88
O2S SGN B . -21.93 -0.03 4.32
O3S SGN B . -19.69 -0.98 4.34
S2 SGN B . -21.10 -0.74 12.99
O4S SGN B . -21.10 -1.82 13.98
O5S SGN B . -22.20 0.42 13.43
O6S SGN B . -19.81 -0.08 12.75
C1 IDS B . -19.80 -5.48 9.99
C2 IDS B . -20.30 -6.51 11.00
C3 IDS B . -21.00 -7.71 10.36
C4 IDS B . -20.24 -8.27 9.15
C5 IDS B . -19.90 -7.11 8.20
C6 IDS B . -19.13 -7.49 6.96
O2 IDS B . -19.18 -6.99 11.77
O3 IDS B . -22.33 -7.37 9.96
O4 IDS B . -19.03 -8.91 9.56
O5 IDS B . -19.11 -6.13 8.93
O6A IDS B . -19.64 -8.23 6.10
O6B IDS B . -17.95 -7.03 6.87
S IDS B . -18.69 -6.25 13.07
O1S IDS B . -17.44 -6.86 13.52
O2S IDS B . -18.53 -4.83 12.72
O3S IDS B . -19.81 -6.47 14.00
C1 SGN B . -19.21 -10.33 9.68
C2 SGN B . -18.11 -10.81 10.64
C3 SGN B . -16.71 -10.66 10.03
C4 SGN B . -16.71 -11.35 8.65
C5 SGN B . -17.82 -10.73 7.75
C6 SGN B . -17.97 -11.32 6.35
N2 SGN B . -18.25 -10.14 11.93
O3 SGN B . -15.71 -11.25 10.87
O4 SGN B . -15.53 -10.88 7.95
O5 SGN B . -19.08 -10.98 8.42
O6 SGN B . -18.27 -12.70 6.51
S1 SGN B . -19.16 -10.81 13.08
O1S SGN B . -20.45 -11.13 12.50
O2S SGN B . -18.42 -11.94 13.54
O3S SGN B . -19.31 -9.66 14.16
S2 SGN B . -18.34 -13.58 5.26
O4S SGN B . -16.96 -13.65 4.76
O5S SGN B . -19.26 -12.81 4.22
O6S SGN B . -18.79 -14.87 5.65
C1 IDS B . -14.77 -11.96 7.40
C2 IDS B . -13.89 -11.39 6.31
C3 IDS B . -12.63 -10.63 6.82
C4 IDS B . -11.93 -11.40 7.93
C5 IDS B . -12.98 -11.74 8.99
C6 IDS B . -12.36 -12.36 10.21
O2 IDS B . -13.58 -12.45 5.41
O3 IDS B . -13.05 -9.35 7.31
O4 IDS B . -11.35 -12.58 7.33
O5 IDS B . -13.98 -12.58 8.40
O6A IDS B . -11.49 -11.68 10.80
O6B IDS B . -12.71 -13.50 10.58
S IDS B . -13.17 -12.20 3.95
O1S IDS B . -13.52 -13.44 3.26
O2S IDS B . -13.93 -11.03 3.50
O3S IDS B . -11.69 -11.93 3.97
C1 SGN B . -10.06 -12.96 7.79
C2 SGN B . -9.30 -13.55 6.59
C3 SGN B . -9.97 -14.80 6.06
C4 SGN B . -10.15 -15.78 7.22
C5 SGN B . -10.87 -15.13 8.43
C6 SGN B . -10.86 -15.98 9.67
N2 SGN B . -9.20 -12.60 5.51
O3 SGN B . -9.10 -15.42 5.12
O4 SGN B . -11.04 -16.86 6.86
O5 SGN B . -10.16 -13.93 8.81
O6 SGN B . -9.52 -16.36 9.96
S1 SGN B . -8.09 -11.43 5.48
O1S SGN B . -8.54 -10.39 6.36
O2S SGN B . -6.89 -12.07 5.93
O3S SGN B . -8.07 -10.85 3.98
S2 SGN B . -9.35 -17.51 11.02
O4S SGN B . -10.02 -18.76 10.63
O5S SGN B . -10.09 -17.01 12.35
O6S SGN B . -7.91 -17.61 11.20
C1 IDS B . -10.43 -18.16 6.98
C2 IDS B . -11.59 -19.11 6.83
C3 IDS B . -12.21 -19.14 5.44
C4 IDS B . -11.20 -19.03 4.28
C5 IDS B . -9.96 -18.21 4.62
C6 IDS B . -8.82 -18.34 3.63
O2 IDS B . -11.10 -20.43 7.14
O3 IDS B . -13.21 -18.11 5.34
O5 IDS B . -9.48 -18.45 5.94
O6A IDS B . -7.67 -18.53 4.10
O6B IDS B . -9.03 -18.25 2.41
S IDS B . -11.92 -21.51 7.87
O1S IDS B . -11.94 -21.08 9.27
O2S IDS B . -13.28 -21.49 7.30
O3S IDS B . -11.28 -22.84 7.66
NA NA C . -7.86 -5.32 3.71
NA NA D . -10.82 15.05 6.11
#